data_3W23
#
_entry.id   3W23
#
_cell.length_a   67.998
_cell.length_b   71.899
_cell.length_c   129.269
_cell.angle_alpha   90.00
_cell.angle_beta   90.00
_cell.angle_gamma   90.00
#
_symmetry.space_group_name_H-M   'P 21 21 21'
#
loop_
_entity.id
_entity.type
_entity.pdbx_description
1 polymer 'Dihydroorotate dehydrogenase (fumarate)'
2 non-polymer '5-[2-(3-chlorophenyl)ethyl]-2,6-dioxo-1,2,3,6-tetrahydropyrimidine-4-carboxylic acid'
3 non-polymer GLYCEROL
4 non-polymer 'FLAVIN MONONUCLEOTIDE'
5 non-polymer 'COBALT HEXAMMINE(III)'
6 water water
#
_entity_poly.entity_id   1
_entity_poly.type   'polypeptide(L)'
_entity_poly.pdbx_seq_one_letter_code
;MCLKLNLLDHVFANPFMNAAGVLCSTEEDLRCMTASSSGALVSKSCTSAPRDGNPEPRYMAFPLGSINSMGLPNLGFDFY
LKYASDLHDYSKKPLFLSISGLSVEENVAMVRRLAPVAQEKGVLLELNLSCPNVPGKPQVAYDFEAMRTYLQQVSLAYGL
PFGVKMPPYFDIAHFDTAAAVLNEFPLVKFVTCVNSVGNGLVIDAESESVVIKPKQGFGGLGGKYILPTALANVNAFYRR
CPDKLVFGCGGVYSGEDAFLHILAGASMVQVGTALQEEGPGIFTRLEDELLEIMARKGYRTLEEFRGRVKTIE
;
_entity_poly.pdbx_strand_id   A,B
#
# COMPACT_ATOMS: atom_id res chain seq x y z
N MET A 1 -0.33 36.88 -5.47
CA MET A 1 -0.35 35.38 -5.39
C MET A 1 1.00 34.70 -5.05
N CYS A 2 1.01 33.92 -3.99
CA CYS A 2 2.27 33.44 -3.47
C CYS A 2 2.21 32.10 -2.75
N LEU A 3 3.37 31.48 -2.79
CA LEU A 3 3.58 30.18 -2.20
C LEU A 3 4.21 30.21 -0.80
N LYS A 4 4.37 31.40 -0.22
CA LYS A 4 5.05 31.58 1.07
C LYS A 4 4.29 30.87 2.19
N LEU A 5 5.05 30.29 3.11
CA LEU A 5 4.51 29.78 4.36
C LEU A 5 5.35 30.26 5.52
N ASN A 6 4.74 30.35 6.67
CA ASN A 6 5.43 30.69 7.89
C ASN A 6 4.90 29.66 8.87
N LEU A 7 5.78 28.79 9.25
CA LEU A 7 5.43 27.76 10.20
C LEU A 7 6.68 27.35 10.98
N LEU A 8 6.42 26.73 12.15
CA LEU A 8 7.47 26.29 13.06
C LEU A 8 8.51 27.40 13.31
N ASP A 9 8.05 28.66 13.38
CA ASP A 9 8.88 29.82 13.58
C ASP A 9 9.96 30.02 12.52
N HIS A 10 9.65 29.51 11.32
CA HIS A 10 10.49 29.73 10.13
C HIS A 10 9.66 30.23 8.96
N VAL A 11 10.33 30.84 7.97
CA VAL A 11 9.69 31.33 6.80
C VAL A 11 10.23 30.53 5.61
N PHE A 12 9.31 30.13 4.74
CA PHE A 12 9.59 29.28 3.63
C PHE A 12 9.09 29.98 2.37
N ALA A 13 9.93 30.04 1.34
CA ALA A 13 9.52 30.66 0.11
C ALA A 13 8.42 29.95 -0.61
N ASN A 14 8.37 28.62 -0.42
CA ASN A 14 7.38 27.79 -1.08
C ASN A 14 7.35 26.46 -0.27
N PRO A 15 6.35 25.61 -0.54
CA PRO A 15 6.21 24.40 0.32
C PRO A 15 7.10 23.24 -0.03
N PHE A 16 7.85 23.36 -1.09
CA PHE A 16 8.56 22.15 -1.68
C PHE A 16 9.86 21.95 -1.01
N MET A 17 10.18 20.66 -0.80
CA MET A 17 11.48 20.21 -0.29
C MET A 17 11.75 18.79 -0.76
N ASN A 18 13.01 18.35 -0.68
CA ASN A 18 13.28 16.94 -0.92
C ASN A 18 12.67 16.09 0.14
N ALA A 19 12.34 14.83 -0.18
CA ALA A 19 12.09 13.81 0.79
C ALA A 19 13.35 13.22 1.35
N ALA A 20 13.42 12.93 2.63
CA ALA A 20 14.61 12.37 3.22
C ALA A 20 15.09 11.17 2.39
N GLY A 21 16.41 11.11 2.20
CA GLY A 21 17.04 10.12 1.45
C GLY A 21 17.41 10.48 0.07
N VAL A 22 16.71 11.43 -0.51
CA VAL A 22 16.96 11.83 -1.93
C VAL A 22 17.74 13.13 -1.96
N LEU A 23 18.85 13.11 -2.68
CA LEU A 23 19.65 14.32 -2.88
C LEU A 23 20.06 15.03 -1.58
N CYS A 24 20.51 14.23 -0.62
CA CYS A 24 20.77 14.78 0.70
C CYS A 24 21.76 14.04 1.59
N SER A 25 22.55 13.17 0.99
CA SER A 25 23.51 12.34 1.75
C SER A 25 24.90 12.96 2.02
N THR A 26 25.38 13.71 1.05
CA THR A 26 26.71 14.27 1.06
C THR A 26 26.66 15.79 1.14
N GLU A 27 27.80 16.41 1.46
CA GLU A 27 27.86 17.85 1.46
C GLU A 27 27.52 18.38 0.08
N GLU A 28 28.01 17.72 -0.94
CA GLU A 28 27.66 18.13 -2.27
C GLU A 28 26.14 18.14 -2.47
N ASP A 29 25.48 17.05 -2.05
CA ASP A 29 24.04 16.90 -2.22
C ASP A 29 23.31 18.04 -1.48
N LEU A 30 23.74 18.33 -0.23
CA LEU A 30 23.06 19.39 0.56
C LEU A 30 23.30 20.74 0.01
N ARG A 31 24.49 21.00 -0.54
CA ARG A 31 24.76 22.25 -1.24
C ARG A 31 23.90 22.40 -2.49
N CYS A 32 23.67 21.32 -3.19
CA CYS A 32 22.82 21.32 -4.37
C CYS A 32 21.39 21.61 -4.02
N MET A 33 20.86 20.92 -3.00
CA MET A 33 19.48 21.23 -2.50
C MET A 33 19.36 22.67 -2.04
N THR A 34 20.43 23.20 -1.41
CA THR A 34 20.36 24.55 -0.93
C THR A 34 20.32 25.52 -2.13
N ALA A 35 21.10 25.24 -3.21
CA ALA A 35 21.13 26.11 -4.36
C ALA A 35 19.85 26.07 -5.19
N SER A 36 19.08 24.98 -5.05
CA SER A 36 17.79 24.75 -5.79
C SER A 36 16.74 25.79 -5.38
N SER A 37 15.63 25.78 -6.13
CA SER A 37 14.51 26.64 -5.78
C SER A 37 13.62 26.03 -4.70
N SER A 38 13.96 24.90 -4.11
CA SER A 38 13.07 24.42 -3.06
C SER A 38 12.96 25.38 -1.90
N GLY A 39 11.85 25.25 -1.17
CA GLY A 39 11.60 26.11 0.00
C GLY A 39 12.37 25.65 1.25
N ALA A 40 12.73 24.39 1.31
CA ALA A 40 13.56 23.83 2.40
C ALA A 40 14.27 22.59 1.91
N LEU A 41 15.08 21.99 2.79
CA LEU A 41 15.74 20.71 2.53
C LEU A 41 15.81 19.92 3.80
N VAL A 42 15.91 18.62 3.65
CA VAL A 42 16.10 17.66 4.80
C VAL A 42 17.30 16.85 4.49
N SER A 43 18.14 16.62 5.52
CA SER A 43 19.28 15.74 5.37
C SER A 43 18.93 14.31 5.46
N LYS A 44 19.74 13.45 4.87
CA LYS A 44 19.61 12.00 4.89
C LYS A 44 19.44 11.47 6.33
N SER A 45 18.48 10.56 6.50
CA SER A 45 18.30 9.93 7.86
C SER A 45 19.63 9.33 8.24
N CYS A 46 20.05 9.63 9.49
CA CYS A 46 21.35 9.20 9.98
C CYS A 46 21.27 8.33 11.21
N THR A 47 22.41 7.63 11.34
CA THR A 47 22.72 6.82 12.51
C THR A 47 23.93 7.41 13.19
N SER A 48 24.19 6.89 14.40
CA SER A 48 25.36 7.42 15.11
C SER A 48 26.68 7.18 14.35
N ALA A 49 26.81 6.01 13.80
CA ALA A 49 27.95 5.68 12.99
C ALA A 49 27.59 5.70 11.51
N PRO A 50 28.71 6.02 10.73
CA PRO A 50 28.47 5.95 9.28
C PRO A 50 28.10 4.53 8.85
N ARG A 51 27.29 4.43 7.80
CA ARG A 51 26.88 3.16 7.23
C ARG A 51 27.10 3.15 5.73
N ASP A 52 27.57 2.02 5.21
CA ASP A 52 27.69 1.79 3.78
C ASP A 52 26.33 1.44 3.11
N GLY A 53 25.43 0.91 3.93
CA GLY A 53 24.16 0.44 3.38
C GLY A 53 24.26 -0.93 2.71
N ASN A 54 23.19 -1.27 2.03
CA ASN A 54 23.07 -2.54 1.38
C ASN A 54 23.81 -2.62 0.04
N PRO A 55 24.01 -3.95 -0.33
CA PRO A 55 24.61 -4.13 -1.65
C PRO A 55 23.77 -3.62 -2.82
N GLU A 56 24.44 -3.19 -3.88
CA GLU A 56 23.78 -2.68 -5.07
C GLU A 56 23.50 -3.81 -6.06
N PRO A 57 22.50 -3.73 -6.89
CA PRO A 57 21.55 -2.64 -6.96
C PRO A 57 20.52 -2.59 -5.87
N ARG A 58 20.27 -1.38 -5.37
CA ARG A 58 19.43 -1.22 -4.21
C ARG A 58 18.35 -0.14 -4.41
N TYR A 59 18.34 0.55 -5.51
CA TYR A 59 17.28 1.49 -5.92
C TYR A 59 17.09 1.25 -7.40
N MET A 60 15.82 1.21 -7.79
CA MET A 60 15.47 1.26 -9.21
C MET A 60 14.21 2.03 -9.46
N ALA A 61 14.13 2.73 -10.59
CA ALA A 61 12.96 3.49 -10.96
C ALA A 61 12.43 3.12 -12.31
N PHE A 62 11.13 3.32 -12.46
CA PHE A 62 10.32 2.88 -13.61
C PHE A 62 9.24 3.95 -13.81
N PRO A 63 8.49 3.86 -14.92
CA PRO A 63 7.55 4.89 -15.19
C PRO A 63 6.53 5.16 -14.07
N LEU A 64 6.12 4.16 -13.32
CA LEU A 64 5.13 4.37 -12.25
C LEU A 64 5.75 4.57 -10.88
N GLY A 65 7.06 4.53 -10.77
CA GLY A 65 7.70 4.83 -9.45
C GLY A 65 8.92 4.04 -9.21
N SER A 66 9.32 3.91 -7.96
CA SER A 66 10.58 3.38 -7.56
C SER A 66 10.41 2.34 -6.47
N ILE A 67 11.44 1.51 -6.34
CA ILE A 67 11.61 0.57 -5.25
C ILE A 67 13.02 0.66 -4.69
N ASN A 68 13.15 0.57 -3.37
CA ASN A 68 14.47 0.72 -2.74
C ASN A 68 14.58 -0.16 -1.51
N SER A 69 15.75 -0.70 -1.27
CA SER A 69 16.18 -1.23 0.02
C SER A 69 17.59 -0.73 0.21
N MET A 70 17.75 0.58 0.48
CA MET A 70 19.04 1.20 0.56
C MET A 70 19.86 0.68 1.76
N GLY A 71 19.20 0.40 2.88
CA GLY A 71 19.85 -0.04 4.13
C GLY A 71 20.47 1.07 4.87
N LEU A 72 19.92 2.24 4.76
CA LEU A 72 20.28 3.42 5.51
C LEU A 72 21.78 3.79 5.32
N PRO A 73 22.29 3.84 4.14
CA PRO A 73 23.63 4.42 3.90
C PRO A 73 23.65 5.88 4.33
N ASN A 74 24.66 6.26 5.10
CA ASN A 74 24.73 7.66 5.52
C ASN A 74 26.12 7.93 6.09
N LEU A 75 26.44 9.23 6.19
CA LEU A 75 27.78 9.67 6.63
C LEU A 75 27.92 9.74 8.15
N GLY A 76 26.88 9.41 8.90
CA GLY A 76 26.90 9.42 10.39
C GLY A 76 26.49 10.77 10.94
N PHE A 77 25.93 10.68 12.15
CA PHE A 77 25.37 11.84 12.80
C PHE A 77 26.33 13.00 12.86
N ASP A 78 27.58 12.78 13.24
CA ASP A 78 28.46 13.88 13.44
C ASP A 78 28.59 14.71 12.17
N PHE A 79 28.60 14.09 11.01
CA PHE A 79 28.63 14.86 9.77
C PHE A 79 27.42 15.72 9.55
N TYR A 80 26.23 15.16 9.76
CA TYR A 80 24.98 15.99 9.54
C TYR A 80 24.82 17.06 10.59
N LEU A 81 25.33 16.80 11.82
CA LEU A 81 25.30 17.85 12.88
C LEU A 81 26.26 18.99 12.55
N LYS A 82 27.45 18.67 12.03
CA LYS A 82 28.44 19.66 11.57
C LYS A 82 27.85 20.47 10.40
N TYR A 83 27.14 19.82 9.49
CA TYR A 83 26.56 20.52 8.38
C TYR A 83 25.56 21.55 8.97
N ALA A 84 24.72 21.10 9.90
CA ALA A 84 23.71 21.97 10.54
C ALA A 84 24.35 23.12 11.36
N SER A 85 25.42 22.78 12.06
CA SER A 85 26.03 23.72 12.99
C SER A 85 26.95 24.76 12.31
N ASP A 86 27.63 24.39 11.25
CA ASP A 86 28.79 25.11 10.71
C ASP A 86 28.70 25.43 9.23
N LEU A 87 27.97 24.60 8.44
CA LEU A 87 28.02 24.75 6.99
C LEU A 87 26.79 25.29 6.29
N HIS A 88 25.62 24.91 6.75
CA HIS A 88 24.37 25.36 6.14
C HIS A 88 24.25 26.90 6.23
N ASP A 89 23.81 27.46 5.11
CA ASP A 89 23.43 28.84 5.04
C ASP A 89 21.94 28.97 5.30
N TYR A 90 21.57 29.33 6.51
CA TYR A 90 20.24 29.51 6.90
C TYR A 90 19.58 30.76 6.28
N SER A 91 20.37 31.58 5.65
CA SER A 91 19.75 32.73 4.99
C SER A 91 19.16 32.26 3.65
N LYS A 92 19.54 31.09 3.15
CA LYS A 92 18.95 30.58 1.91
C LYS A 92 17.57 29.89 2.10
N LYS A 93 17.49 29.04 3.07
CA LYS A 93 16.29 28.34 3.39
C LYS A 93 16.45 27.54 4.68
N PRO A 94 15.34 27.12 5.29
CA PRO A 94 15.43 26.23 6.48
C PRO A 94 15.92 24.88 6.18
N LEU A 95 16.56 24.29 7.18
CA LEU A 95 17.09 22.93 7.19
C LEU A 95 16.39 22.09 8.20
N PHE A 96 15.96 20.89 7.73
CA PHE A 96 15.56 19.78 8.60
C PHE A 96 16.63 18.74 8.62
N LEU A 97 16.84 18.13 9.79
CA LEU A 97 17.79 17.09 9.97
C LEU A 97 17.00 15.83 10.32
N SER A 98 17.09 14.74 9.54
CA SER A 98 16.36 13.54 9.81
C SER A 98 17.28 12.54 10.54
N ILE A 99 16.76 11.91 11.58
CA ILE A 99 17.54 10.91 12.30
C ILE A 99 16.76 9.61 12.26
N SER A 100 17.47 8.46 12.22
CA SER A 100 16.80 7.18 12.17
C SER A 100 17.67 6.14 12.85
N GLY A 101 17.88 6.35 14.16
CA GLY A 101 18.58 5.36 14.96
C GLY A 101 17.92 3.98 14.93
N LEU A 102 18.75 2.99 15.17
CA LEU A 102 18.33 1.63 15.07
C LEU A 102 17.82 1.03 16.41
N SER A 103 17.78 1.90 17.41
CA SER A 103 17.22 1.60 18.72
C SER A 103 16.83 2.91 19.34
N VAL A 104 16.00 2.85 20.38
CA VAL A 104 15.65 4.07 21.12
C VAL A 104 16.87 4.75 21.71
N GLU A 105 17.84 3.98 22.26
CA GLU A 105 18.98 4.61 22.85
C GLU A 105 19.88 5.40 21.86
N GLU A 106 20.01 4.84 20.65
CA GLU A 106 20.76 5.56 19.60
C GLU A 106 20.05 6.89 19.24
N ASN A 107 18.75 6.86 19.14
CA ASN A 107 18.00 8.12 18.86
C ASN A 107 18.20 9.10 19.97
N VAL A 108 18.12 8.62 21.22
CA VAL A 108 18.26 9.50 22.37
C VAL A 108 19.67 10.17 22.37
N ALA A 109 20.68 9.39 22.04
CA ALA A 109 22.02 9.86 22.06
C ALA A 109 22.19 10.99 21.05
N MET A 110 21.61 10.84 19.87
CA MET A 110 21.69 11.87 18.85
C MET A 110 20.92 13.16 19.18
N VAL A 111 19.69 12.99 19.64
CA VAL A 111 18.88 14.15 19.95
C VAL A 111 19.45 15.01 21.10
N ARG A 112 20.09 14.35 22.05
CA ARG A 112 20.71 15.10 23.13
C ARG A 112 21.75 16.09 22.61
N ARG A 113 22.53 15.64 21.66
CA ARG A 113 23.50 16.44 20.99
C ARG A 113 23.00 17.40 19.90
N LEU A 114 21.90 17.04 19.27
CA LEU A 114 21.23 17.94 18.34
C LEU A 114 20.63 19.17 19.02
N ALA A 115 20.12 18.99 20.21
CA ALA A 115 19.26 19.99 20.81
C ALA A 115 19.90 21.40 20.88
N PRO A 116 21.20 21.46 21.38
CA PRO A 116 21.79 22.82 21.43
C PRO A 116 21.94 23.51 20.05
N VAL A 117 22.23 22.73 19.02
CA VAL A 117 22.31 23.22 17.67
C VAL A 117 20.95 23.64 17.13
N ALA A 118 19.92 22.88 17.43
CA ALA A 118 18.58 23.27 17.08
C ALA A 118 18.20 24.57 17.75
N GLN A 119 18.50 24.66 19.04
CA GLN A 119 18.25 25.93 19.69
C GLN A 119 19.02 27.08 19.18
N GLU A 120 20.27 26.95 18.91
CA GLU A 120 21.04 28.08 18.42
C GLU A 120 20.85 28.42 16.95
N LYS A 121 20.79 27.41 16.08
CA LYS A 121 20.73 27.63 14.64
C LYS A 121 19.34 27.45 13.98
N GLY A 122 18.46 26.79 14.67
CA GLY A 122 17.12 26.63 14.18
C GLY A 122 16.90 25.45 13.24
N VAL A 123 17.88 24.55 13.18
CA VAL A 123 17.64 23.27 12.47
C VAL A 123 16.50 22.53 13.08
N LEU A 124 15.62 21.90 12.24
CA LEU A 124 14.44 21.24 12.67
C LEU A 124 14.59 19.72 12.59
N LEU A 125 14.25 19.02 13.62
CA LEU A 125 14.36 17.57 13.67
C LEU A 125 13.16 16.88 13.02
N GLU A 126 13.43 15.94 12.10
CA GLU A 126 12.49 14.94 11.65
C GLU A 126 12.95 13.56 12.10
N LEU A 127 12.16 12.96 12.98
CA LEU A 127 12.45 11.63 13.50
C LEU A 127 11.78 10.59 12.63
N ASN A 128 12.58 9.68 12.05
CA ASN A 128 12.03 8.61 11.23
C ASN A 128 11.56 7.48 12.04
N LEU A 129 10.27 7.26 12.05
CA LEU A 129 9.74 6.09 12.79
C LEU A 129 9.38 4.94 11.88
N SER A 130 9.49 5.09 10.56
CA SER A 130 9.31 3.98 9.61
C SER A 130 10.65 3.40 9.42
N CYS A 131 11.08 2.67 10.43
CA CYS A 131 12.39 2.25 10.63
C CYS A 131 12.42 0.88 11.42
N PRO A 132 13.45 0.02 11.05
CA PRO A 132 13.58 -1.20 11.88
C PRO A 132 13.92 -0.99 13.35
N ASN A 133 13.45 -1.91 14.17
CA ASN A 133 13.81 -2.01 15.58
C ASN A 133 14.42 -3.41 15.77
N VAL A 134 13.80 -4.26 16.57
CA VAL A 134 14.32 -5.63 16.72
C VAL A 134 13.98 -6.44 15.49
N PRO A 135 14.93 -7.08 14.79
CA PRO A 135 14.44 -7.93 13.71
C PRO A 135 13.44 -9.05 14.12
N GLY A 136 12.40 -9.31 13.32
CA GLY A 136 11.24 -10.11 13.65
C GLY A 136 10.12 -9.46 14.33
N LYS A 137 10.32 -8.15 14.68
CA LYS A 137 9.24 -7.35 15.08
C LYS A 137 8.96 -6.34 13.90
N PRO A 138 7.77 -5.80 13.94
CA PRO A 138 7.44 -4.78 12.88
C PRO A 138 8.29 -3.57 13.04
N GLN A 139 8.36 -2.78 11.99
CA GLN A 139 9.02 -1.50 12.10
C GLN A 139 8.37 -0.68 13.23
N VAL A 140 9.12 0.32 13.74
CA VAL A 140 8.71 1.05 14.93
C VAL A 140 7.28 1.57 14.88
N ALA A 141 6.89 2.25 13.79
CA ALA A 141 5.57 2.84 13.76
C ALA A 141 4.43 1.87 13.45
N TYR A 142 4.78 0.60 13.23
CA TYR A 142 3.80 -0.43 13.17
C TYR A 142 3.72 -1.20 14.51
N ASP A 143 4.43 -0.72 15.49
CA ASP A 143 4.44 -1.32 16.83
C ASP A 143 4.15 -0.20 17.81
N PHE A 144 2.90 -0.01 18.16
CA PHE A 144 2.49 1.20 18.84
C PHE A 144 3.12 1.40 20.19
N GLU A 145 3.33 0.30 20.90
CA GLU A 145 4.08 0.42 22.14
C GLU A 145 5.53 0.88 21.96
N ALA A 146 6.21 0.37 20.95
CA ALA A 146 7.54 0.86 20.64
C ALA A 146 7.51 2.32 20.25
N MET A 147 6.52 2.67 19.44
CA MET A 147 6.43 4.02 19.00
C MET A 147 6.26 4.98 20.18
N ARG A 148 5.41 4.62 21.11
CA ARG A 148 5.21 5.42 22.30
C ARG A 148 6.49 5.58 23.10
N THR A 149 7.23 4.49 23.27
CA THR A 149 8.48 4.55 24.02
C THR A 149 9.48 5.46 23.31
N TYR A 150 9.55 5.33 21.97
CA TYR A 150 10.48 6.20 21.27
C TYR A 150 10.11 7.64 21.47
N LEU A 151 8.84 8.00 21.31
CA LEU A 151 8.40 9.39 21.49
C LEU A 151 8.54 9.94 22.89
N GLN A 152 8.34 9.05 23.88
CA GLN A 152 8.54 9.50 25.26
C GLN A 152 10.03 9.78 25.49
N GLN A 153 10.90 8.87 25.02
CA GLN A 153 12.29 9.04 25.30
C GLN A 153 12.91 10.21 24.51
N VAL A 154 12.51 10.36 23.23
CA VAL A 154 13.02 11.44 22.51
C VAL A 154 12.46 12.80 22.99
N SER A 155 11.20 12.87 23.36
CA SER A 155 10.66 14.15 23.88
C SER A 155 11.44 14.60 25.13
N LEU A 156 11.71 13.64 26.03
CA LEU A 156 12.47 13.96 27.29
C LEU A 156 13.88 14.42 26.99
N ALA A 157 14.56 13.74 26.08
CA ALA A 157 15.96 14.00 25.73
C ALA A 157 16.16 15.23 24.94
N TYR A 158 15.20 15.57 24.07
CA TYR A 158 15.38 16.66 23.16
C TYR A 158 14.81 17.98 23.73
N GLY A 159 13.57 17.94 24.15
CA GLY A 159 12.97 19.03 24.86
C GLY A 159 12.54 20.23 24.02
N LEU A 160 12.49 20.03 22.68
CA LEU A 160 12.17 21.09 21.73
C LEU A 160 11.19 20.52 20.73
N PRO A 161 10.51 21.42 20.04
CA PRO A 161 9.58 20.93 18.97
C PRO A 161 10.31 20.12 17.88
N PHE A 162 9.67 19.02 17.46
CA PHE A 162 10.20 18.18 16.41
C PHE A 162 9.03 17.64 15.60
N GLY A 163 9.35 16.87 14.55
CA GLY A 163 8.36 16.13 13.78
C GLY A 163 8.76 14.72 13.59
N VAL A 164 7.80 13.97 13.08
CA VAL A 164 7.97 12.57 12.86
C VAL A 164 7.67 12.19 11.41
N LYS A 165 8.38 11.26 10.84
CA LYS A 165 8.15 10.68 9.51
C LYS A 165 7.47 9.36 9.74
N MET A 166 6.27 9.16 9.21
CA MET A 166 5.41 8.00 9.39
C MET A 166 5.33 7.14 8.18
N PRO A 167 5.28 5.81 8.36
CA PRO A 167 4.94 4.92 7.27
C PRO A 167 3.47 5.09 6.96
N PRO A 168 3.00 4.65 5.79
CA PRO A 168 1.59 4.62 5.51
C PRO A 168 0.87 3.55 6.36
N TYR A 169 -0.38 3.84 6.68
CA TYR A 169 -1.33 2.87 7.25
C TYR A 169 -2.45 2.63 6.28
N PHE A 170 -3.14 1.51 6.47
CA PHE A 170 -4.11 0.99 5.53
C PHE A 170 -5.46 0.61 6.17
N ASP A 171 -5.55 0.84 7.47
CA ASP A 171 -6.70 0.40 8.25
C ASP A 171 -7.08 1.59 9.13
N ILE A 172 -8.36 1.83 9.21
CA ILE A 172 -8.86 2.98 9.95
C ILE A 172 -8.47 2.87 11.43
N ALA A 173 -8.47 1.65 11.95
CA ALA A 173 -8.14 1.45 13.35
C ALA A 173 -6.73 1.92 13.60
N HIS A 174 -5.84 1.65 12.64
CA HIS A 174 -4.46 2.11 12.72
C HIS A 174 -4.31 3.64 12.66
N PHE A 175 -5.09 4.30 11.82
CA PHE A 175 -5.08 5.73 11.76
C PHE A 175 -5.50 6.24 13.12
N ASP A 176 -6.53 5.62 13.69
CA ASP A 176 -7.04 6.12 14.96
C ASP A 176 -6.01 5.95 16.11
N THR A 177 -5.43 4.78 16.21
CA THR A 177 -4.44 4.51 17.22
C THR A 177 -3.15 5.31 17.03
N ALA A 178 -2.65 5.37 15.82
CA ALA A 178 -1.43 6.11 15.59
C ALA A 178 -1.56 7.58 15.92
N ALA A 179 -2.65 8.18 15.48
CA ALA A 179 -2.88 9.57 15.75
C ALA A 179 -3.03 9.82 17.21
N ALA A 180 -3.71 8.92 17.91
CA ALA A 180 -3.88 9.05 19.36
C ALA A 180 -2.48 8.99 20.05
N VAL A 181 -1.57 8.14 19.60
CA VAL A 181 -0.26 8.07 20.19
C VAL A 181 0.42 9.40 19.96
N LEU A 182 0.42 9.89 18.72
CA LEU A 182 1.03 11.16 18.44
C LEU A 182 0.54 12.26 19.23
N ASN A 183 -0.75 12.30 19.42
CA ASN A 183 -1.36 13.35 20.20
C ASN A 183 -1.05 13.35 21.75
N GLU A 184 -0.42 12.30 22.20
CA GLU A 184 0.10 12.26 23.58
C GLU A 184 1.32 13.15 23.74
N PHE A 185 1.98 13.61 22.64
CA PHE A 185 3.29 14.27 22.67
C PHE A 185 3.18 15.64 22.16
N PRO A 186 3.12 16.66 23.01
CA PRO A 186 2.94 17.97 22.57
C PRO A 186 4.15 18.58 21.75
N LEU A 187 5.31 18.02 21.95
CA LEU A 187 6.49 18.47 21.25
C LEU A 187 6.48 18.01 19.77
N VAL A 188 5.64 17.01 19.43
CA VAL A 188 5.51 16.58 18.04
C VAL A 188 4.65 17.63 17.30
N LYS A 189 5.33 18.57 16.63
CA LYS A 189 4.65 19.65 15.98
C LYS A 189 4.30 19.41 14.51
N PHE A 190 4.96 18.46 13.87
CA PHE A 190 4.61 18.13 12.48
C PHE A 190 4.71 16.62 12.32
N VAL A 191 3.87 16.13 11.41
CA VAL A 191 3.85 14.75 11.04
C VAL A 191 3.98 14.63 9.53
N THR A 192 4.96 13.87 9.08
CA THR A 192 5.21 13.73 7.65
C THR A 192 4.67 12.37 7.18
N CYS A 193 3.70 12.44 6.29
CA CYS A 193 3.02 11.29 5.74
C CYS A 193 3.22 11.32 4.25
N VAL A 194 3.90 10.36 3.64
CA VAL A 194 4.31 9.08 4.16
C VAL A 194 5.69 8.68 3.67
N ASN A 195 6.28 7.77 4.41
CA ASN A 195 7.43 7.00 3.97
C ASN A 195 6.95 6.01 2.87
N SER A 196 7.89 5.28 2.32
CA SER A 196 7.55 4.36 1.25
C SER A 196 6.56 3.27 1.67
N VAL A 197 5.83 2.76 0.70
CA VAL A 197 4.91 1.68 0.96
C VAL A 197 5.78 0.41 1.00
N GLY A 198 5.78 -0.21 2.15
CA GLY A 198 6.76 -1.21 2.45
C GLY A 198 6.70 -2.54 1.72
N ASN A 199 7.87 -3.08 1.44
CA ASN A 199 7.92 -4.47 0.97
C ASN A 199 7.10 -4.81 -0.24
N GLY A 200 7.18 -3.96 -1.23
CA GLY A 200 6.72 -4.29 -2.53
C GLY A 200 7.73 -5.14 -3.29
N LEU A 201 7.38 -5.64 -4.49
CA LEU A 201 8.29 -6.49 -5.24
C LEU A 201 8.08 -6.18 -6.70
N VAL A 202 9.11 -5.61 -7.32
CA VAL A 202 9.10 -5.37 -8.77
C VAL A 202 9.87 -6.53 -9.45
N ILE A 203 9.26 -7.06 -10.50
CA ILE A 203 9.85 -8.15 -11.31
C ILE A 203 9.92 -7.68 -12.75
N ASP A 204 11.05 -7.94 -13.37
CA ASP A 204 11.29 -7.63 -14.74
C ASP A 204 10.91 -8.90 -15.55
N ALA A 205 9.97 -8.74 -16.46
CA ALA A 205 9.47 -9.85 -17.25
C ALA A 205 10.50 -10.47 -18.19
N GLU A 206 11.33 -9.64 -18.80
CA GLU A 206 12.30 -10.22 -19.76
C GLU A 206 13.33 -11.13 -19.09
N SER A 207 13.91 -10.66 -18.00
CA SER A 207 14.90 -11.40 -17.27
C SER A 207 14.37 -12.36 -16.22
N GLU A 208 13.09 -12.23 -15.93
CA GLU A 208 12.41 -13.05 -14.94
C GLU A 208 13.03 -12.91 -13.57
N SER A 209 13.54 -11.72 -13.28
CA SER A 209 14.31 -11.42 -12.08
C SER A 209 13.73 -10.20 -11.36
N VAL A 210 13.85 -10.26 -10.02
CA VAL A 210 13.69 -9.05 -9.22
C VAL A 210 14.74 -8.02 -9.64
N VAL A 211 14.58 -6.78 -9.23
CA VAL A 211 15.39 -5.71 -9.80
C VAL A 211 16.31 -5.07 -8.77
N ILE A 212 16.15 -5.41 -7.50
CA ILE A 212 17.11 -4.99 -6.51
C ILE A 212 17.64 -6.24 -5.80
N LYS A 213 18.87 -6.14 -5.31
CA LYS A 213 19.58 -7.22 -4.68
C LYS A 213 19.20 -7.56 -3.24
N PRO A 214 19.09 -6.57 -2.36
CA PRO A 214 18.77 -6.95 -0.97
C PRO A 214 17.38 -7.59 -0.84
N LYS A 215 17.18 -8.30 0.23
CA LYS A 215 15.87 -8.75 0.67
C LYS A 215 15.13 -9.49 -0.42
N GLN A 216 15.86 -10.26 -1.27
CA GLN A 216 15.25 -11.06 -2.35
C GLN A 216 14.37 -10.20 -3.27
N GLY A 217 14.71 -8.92 -3.41
CA GLY A 217 13.98 -8.00 -4.29
C GLY A 217 12.92 -7.19 -3.63
N PHE A 218 12.61 -7.41 -2.38
CA PHE A 218 11.53 -6.67 -1.65
C PHE A 218 12.10 -5.31 -1.24
N GLY A 219 11.28 -4.28 -1.43
CA GLY A 219 11.69 -2.95 -1.00
C GLY A 219 10.56 -2.00 -0.98
N GLY A 220 10.88 -0.82 -0.47
CA GLY A 220 9.83 0.19 -0.30
C GLY A 220 9.50 0.89 -1.61
N LEU A 221 8.21 1.12 -1.87
CA LEU A 221 7.70 1.74 -3.10
C LEU A 221 7.47 3.23 -2.94
N GLY A 222 7.89 3.99 -3.91
CA GLY A 222 7.56 5.37 -4.06
C GLY A 222 7.02 5.69 -5.41
N GLY A 223 6.60 6.91 -5.56
CA GLY A 223 6.19 7.43 -6.82
C GLY A 223 4.71 7.33 -7.16
N LYS A 224 4.37 7.16 -8.43
CA LYS A 224 2.99 7.21 -8.86
C LYS A 224 2.15 6.12 -8.23
N TYR A 225 2.78 4.95 -7.93
CA TYR A 225 2.08 3.84 -7.20
C TYR A 225 1.33 4.35 -5.95
N ILE A 226 1.92 5.28 -5.20
CA ILE A 226 1.57 5.52 -3.83
C ILE A 226 0.83 6.86 -3.61
N LEU A 227 0.47 7.64 -4.64
CA LEU A 227 -0.18 8.90 -4.39
C LEU A 227 -1.47 8.80 -3.64
N PRO A 228 -2.42 7.92 -4.05
CA PRO A 228 -3.66 7.88 -3.26
C PRO A 228 -3.45 7.41 -1.81
N THR A 229 -2.49 6.49 -1.56
CA THR A 229 -2.15 6.06 -0.20
C THR A 229 -1.63 7.29 0.56
N ALA A 230 -0.73 8.04 -0.10
CA ALA A 230 -0.16 9.27 0.56
C ALA A 230 -1.22 10.25 0.91
N LEU A 231 -2.13 10.56 -0.02
CA LEU A 231 -3.17 11.52 0.19
C LEU A 231 -4.02 11.07 1.37
N ALA A 232 -4.38 9.78 1.43
CA ALA A 232 -5.24 9.26 2.50
C ALA A 232 -4.57 9.52 3.84
N ASN A 233 -3.28 9.23 3.93
CA ASN A 233 -2.59 9.34 5.24
C ASN A 233 -2.49 10.81 5.60
N VAL A 234 -2.15 11.66 4.64
CA VAL A 234 -2.14 13.13 4.94
C VAL A 234 -3.50 13.51 5.52
N ASN A 235 -4.56 13.17 4.81
CA ASN A 235 -5.90 13.67 5.25
C ASN A 235 -6.26 13.00 6.57
N ALA A 236 -5.93 11.72 6.78
CA ALA A 236 -6.31 11.05 8.02
C ALA A 236 -5.64 11.68 9.21
N PHE A 237 -4.36 11.99 9.12
CA PHE A 237 -3.65 12.69 10.20
C PHE A 237 -4.04 14.13 10.34
N TYR A 238 -4.34 14.80 9.24
CA TYR A 238 -4.83 16.19 9.25
C TYR A 238 -6.10 16.30 10.06
N ARG A 239 -7.01 15.36 9.84
CA ARG A 239 -8.27 15.34 10.54
C ARG A 239 -8.01 14.97 12.01
N ARG A 240 -7.16 14.06 12.34
CA ARG A 240 -7.05 13.51 13.69
C ARG A 240 -6.06 14.33 14.58
N CYS A 241 -5.20 15.14 13.97
CA CYS A 241 -4.19 15.91 14.71
C CYS A 241 -4.33 17.38 14.48
N PRO A 242 -5.43 17.98 15.00
CA PRO A 242 -5.75 19.34 14.75
C PRO A 242 -4.73 20.34 15.35
N ASP A 243 -3.98 19.91 16.30
CA ASP A 243 -2.94 20.78 16.84
C ASP A 243 -1.56 20.63 16.30
N LYS A 244 -1.40 19.81 15.25
CA LYS A 244 -0.15 19.56 14.60
C LYS A 244 -0.23 19.98 13.13
N LEU A 245 0.95 20.23 12.50
CA LEU A 245 1.09 20.33 11.02
C LEU A 245 1.24 18.94 10.46
N VAL A 246 0.79 18.80 9.21
CA VAL A 246 1.03 17.59 8.42
C VAL A 246 1.85 17.98 7.20
N PHE A 247 2.92 17.31 6.95
CA PHE A 247 3.68 17.46 5.72
C PHE A 247 3.35 16.26 4.82
N GLY A 248 3.13 16.54 3.55
CA GLY A 248 2.81 15.49 2.66
C GLY A 248 4.01 15.03 1.87
N CYS A 249 4.11 13.73 1.68
CA CYS A 249 5.17 13.07 0.90
C CYS A 249 4.56 11.85 0.21
N GLY A 250 4.78 11.72 -1.09
CA GLY A 250 4.40 10.50 -1.82
C GLY A 250 3.72 10.84 -3.11
N GLY A 251 4.37 10.39 -4.19
CA GLY A 251 3.76 10.50 -5.48
C GLY A 251 3.68 11.88 -6.06
N VAL A 252 4.51 12.84 -5.61
CA VAL A 252 4.48 14.19 -6.21
C VAL A 252 5.42 14.23 -7.41
N TYR A 253 4.81 14.41 -8.60
CA TYR A 253 5.53 14.69 -9.85
C TYR A 253 5.13 16.02 -10.47
N SER A 254 4.07 16.65 -10.01
CA SER A 254 3.56 17.82 -10.65
C SER A 254 2.94 18.79 -9.65
N GLY A 255 2.68 19.99 -10.13
CA GLY A 255 2.00 20.96 -9.30
C GLY A 255 0.61 20.48 -8.92
N GLU A 256 -0.04 19.80 -9.83
CA GLU A 256 -1.34 19.23 -9.52
C GLU A 256 -1.27 18.20 -8.40
N ASP A 257 -0.27 17.35 -8.44
CA ASP A 257 -0.11 16.40 -7.36
C ASP A 257 0.11 17.12 -6.01
N ALA A 258 0.92 18.18 -6.06
CA ALA A 258 1.10 18.96 -4.86
C ALA A 258 -0.17 19.67 -4.36
N PHE A 259 -0.95 20.19 -5.30
CA PHE A 259 -2.23 20.79 -4.98
C PHE A 259 -3.14 19.76 -4.28
N LEU A 260 -3.15 18.50 -4.74
CA LEU A 260 -3.94 17.50 -4.04
C LEU A 260 -3.46 17.24 -2.61
N HIS A 261 -2.13 17.13 -2.43
CA HIS A 261 -1.61 17.04 -1.10
C HIS A 261 -2.03 18.15 -0.21
N ILE A 262 -1.99 19.37 -0.72
CA ILE A 262 -2.34 20.57 0.08
C ILE A 262 -3.84 20.55 0.37
N LEU A 263 -4.71 20.29 -0.59
CA LEU A 263 -6.12 20.08 -0.35
C LEU A 263 -6.38 19.07 0.73
N ALA A 264 -5.59 18.01 0.77
CA ALA A 264 -5.69 16.99 1.83
C ALA A 264 -5.24 17.43 3.21
N GLY A 265 -4.48 18.50 3.25
CA GLY A 265 -4.00 19.01 4.52
C GLY A 265 -2.51 19.35 4.62
N ALA A 266 -1.73 19.08 3.56
CA ALA A 266 -0.31 19.28 3.64
C ALA A 266 0.11 20.76 3.81
N SER A 267 1.11 20.95 4.67
CA SER A 267 1.79 22.23 4.76
C SER A 267 3.00 22.20 3.82
N MET A 268 4.06 21.59 4.25
CA MET A 268 5.14 21.27 3.35
C MET A 268 4.80 20.06 2.46
N VAL A 269 5.40 20.07 1.28
CA VAL A 269 5.26 19.00 0.33
C VAL A 269 6.66 18.46 -0.09
N GLN A 270 6.89 17.19 0.18
CA GLN A 270 8.24 16.62 -0.08
C GLN A 270 8.18 15.77 -1.36
N VAL A 271 9.32 15.73 -2.01
CA VAL A 271 9.48 15.15 -3.34
C VAL A 271 10.62 14.14 -3.29
N GLY A 272 10.35 12.87 -3.47
CA GLY A 272 11.33 11.77 -3.42
C GLY A 272 11.63 11.29 -4.85
N THR A 273 10.96 10.19 -5.22
CA THR A 273 11.22 9.60 -6.49
C THR A 273 11.36 10.54 -7.67
N ALA A 274 10.41 11.49 -7.77
CA ALA A 274 10.43 12.37 -8.95
C ALA A 274 11.64 13.26 -8.97
N LEU A 275 12.11 13.65 -7.80
CA LEU A 275 13.35 14.42 -7.66
C LEU A 275 14.58 13.57 -8.02
N GLN A 276 14.60 12.35 -7.51
CA GLN A 276 15.65 11.41 -7.86
C GLN A 276 15.77 11.26 -9.37
N GLU A 277 14.65 11.16 -10.05
CA GLU A 277 14.64 10.93 -11.46
C GLU A 277 14.88 12.18 -12.30
N GLU A 278 14.28 13.33 -11.93
CA GLU A 278 14.37 14.56 -12.71
C GLU A 278 15.51 15.49 -12.34
N GLY A 279 15.93 15.42 -11.09
CA GLY A 279 16.87 16.36 -10.54
C GLY A 279 16.25 17.64 -10.03
N PRO A 280 17.08 18.52 -9.46
CA PRO A 280 16.57 19.67 -8.70
C PRO A 280 15.83 20.72 -9.50
N GLY A 281 16.01 20.72 -10.81
CA GLY A 281 15.16 21.49 -11.69
C GLY A 281 13.71 21.31 -11.47
N ILE A 282 13.32 20.16 -10.92
CA ILE A 282 11.91 19.89 -10.71
C ILE A 282 11.26 21.02 -9.89
N PHE A 283 12.00 21.63 -8.97
CA PHE A 283 11.37 22.57 -8.07
C PHE A 283 10.88 23.81 -8.76
N THR A 284 11.52 24.29 -9.82
CA THR A 284 10.95 25.44 -10.50
C THR A 284 9.73 25.07 -11.26
N ARG A 285 9.72 23.88 -11.80
CA ARG A 285 8.56 23.36 -12.52
C ARG A 285 7.38 23.18 -11.60
N LEU A 286 7.60 22.59 -10.44
CA LEU A 286 6.50 22.40 -9.54
C LEU A 286 5.91 23.72 -9.04
N GLU A 287 6.76 24.65 -8.76
CA GLU A 287 6.29 25.99 -8.37
C GLU A 287 5.46 26.67 -9.46
N ASP A 288 5.92 26.61 -10.69
CA ASP A 288 5.20 27.24 -11.80
C ASP A 288 3.87 26.54 -11.97
N GLU A 289 3.85 25.21 -11.91
CA GLU A 289 2.64 24.47 -12.12
C GLU A 289 1.61 24.74 -10.98
N LEU A 290 2.05 24.79 -9.76
CA LEU A 290 1.16 25.00 -8.68
C LEU A 290 0.58 26.45 -8.80
N LEU A 291 1.45 27.42 -9.09
CA LEU A 291 0.97 28.82 -9.28
C LEU A 291 0.00 28.88 -10.42
N GLU A 292 0.12 28.08 -11.47
CA GLU A 292 -0.85 28.20 -12.53
C GLU A 292 -2.21 27.64 -12.16
N ILE A 293 -2.25 26.55 -11.37
CA ILE A 293 -3.50 26.03 -10.89
C ILE A 293 -4.15 27.00 -9.95
N MET A 294 -3.37 27.64 -9.04
CA MET A 294 -3.92 28.64 -8.16
C MET A 294 -4.49 29.83 -9.00
N ALA A 295 -3.79 30.28 -9.99
CA ALA A 295 -4.31 31.43 -10.81
C ALA A 295 -5.61 31.05 -11.43
N ARG A 296 -5.73 29.88 -11.99
CA ARG A 296 -6.94 29.49 -12.69
C ARG A 296 -8.12 29.44 -11.76
N LYS A 297 -7.90 29.06 -10.52
CA LYS A 297 -8.92 28.88 -9.55
C LYS A 297 -9.19 30.15 -8.68
N GLY A 298 -8.39 31.12 -8.93
CA GLY A 298 -8.43 32.32 -8.18
C GLY A 298 -7.90 32.27 -6.74
N TYR A 299 -7.08 31.30 -6.37
CA TYR A 299 -6.47 31.24 -5.03
C TYR A 299 -5.21 32.11 -4.96
N ARG A 300 -5.11 32.90 -3.92
CA ARG A 300 -3.95 33.76 -3.78
C ARG A 300 -2.89 33.23 -2.84
N THR A 301 -3.27 32.37 -1.92
CA THR A 301 -2.37 31.83 -0.91
C THR A 301 -2.70 30.34 -0.72
N LEU A 302 -1.75 29.60 -0.10
CA LEU A 302 -1.95 28.19 0.16
C LEU A 302 -3.05 27.96 1.21
N GLU A 303 -3.14 28.86 2.21
CA GLU A 303 -4.08 28.67 3.24
C GLU A 303 -5.52 28.77 2.78
N GLU A 304 -5.73 29.41 1.63
CA GLU A 304 -7.09 29.45 1.07
C GLU A 304 -7.67 28.09 0.76
N PHE A 305 -6.80 27.12 0.50
CA PHE A 305 -7.25 25.79 0.11
C PHE A 305 -6.65 24.65 0.89
N ARG A 306 -5.73 24.85 1.83
CA ARG A 306 -5.15 23.75 2.55
C ARG A 306 -6.18 23.10 3.40
N GLY A 307 -6.32 21.79 3.29
CA GLY A 307 -7.24 21.00 4.06
C GLY A 307 -8.72 21.11 3.63
N ARG A 308 -8.95 21.80 2.50
CA ARG A 308 -10.26 22.15 2.06
C ARG A 308 -10.81 21.10 1.07
N VAL A 309 -10.21 19.92 0.95
CA VAL A 309 -10.84 18.87 0.16
C VAL A 309 -12.33 18.71 0.55
N LYS A 310 -13.16 18.58 -0.50
CA LYS A 310 -14.56 18.40 -0.30
C LYS A 310 -14.96 16.97 -0.28
N THR A 311 -15.89 16.60 0.58
CA THR A 311 -16.51 15.30 0.58
C THR A 311 -17.87 15.37 -0.07
N ILE A 312 -18.41 14.21 -0.40
CA ILE A 312 -19.71 14.12 -1.08
C ILE A 312 -20.82 13.90 -0.06
N GLU A 313 -21.78 14.84 -0.03
CA GLU A 313 -23.14 14.61 0.64
C GLU A 313 -23.24 13.89 1.98
N MET B 1 -0.71 -26.08 -28.29
CA MET B 1 -0.47 -25.33 -27.03
C MET B 1 -1.69 -24.74 -26.28
N CYS B 2 -1.85 -25.17 -25.06
CA CYS B 2 -3.00 -24.75 -24.27
C CYS B 2 -2.55 -24.57 -22.83
N LEU B 3 -3.34 -23.79 -22.06
CA LEU B 3 -3.04 -23.31 -20.72
C LEU B 3 -3.78 -24.10 -19.65
N LYS B 4 -4.34 -25.29 -19.98
CA LYS B 4 -5.13 -26.03 -19.02
C LYS B 4 -4.24 -26.49 -17.85
N LEU B 5 -4.83 -26.52 -16.66
CA LEU B 5 -4.21 -26.95 -15.44
C LEU B 5 -5.17 -27.61 -14.44
N ASN B 6 -4.64 -28.36 -13.48
CA ASN B 6 -5.39 -29.08 -12.48
C ASN B 6 -4.97 -28.62 -11.14
N LEU B 7 -5.93 -28.26 -10.28
CA LEU B 7 -5.75 -27.77 -8.91
C LEU B 7 -6.95 -28.12 -8.03
N LEU B 8 -6.71 -28.48 -6.81
CA LEU B 8 -7.76 -28.63 -5.86
C LEU B 8 -8.84 -29.70 -6.36
N ASP B 9 -8.35 -30.70 -7.04
CA ASP B 9 -9.21 -31.78 -7.59
C ASP B 9 -10.18 -31.30 -8.64
N HIS B 10 -9.83 -30.17 -9.27
CA HIS B 10 -10.59 -29.65 -10.39
C HIS B 10 -9.68 -29.38 -11.59
N VAL B 11 -10.24 -29.35 -12.75
CA VAL B 11 -9.56 -29.02 -14.00
C VAL B 11 -9.99 -27.63 -14.42
N PHE B 12 -8.98 -26.85 -14.86
CA PHE B 12 -9.14 -25.47 -15.28
C PHE B 12 -8.56 -25.30 -16.70
N ALA B 13 -9.31 -24.64 -17.57
CA ALA B 13 -8.91 -24.46 -19.03
C ALA B 13 -7.71 -23.49 -19.06
N ASN B 14 -7.60 -22.63 -18.03
CA ASN B 14 -6.57 -21.56 -18.02
C ASN B 14 -6.59 -21.09 -16.57
N PRO B 15 -5.54 -20.32 -16.16
CA PRO B 15 -5.46 -19.86 -14.76
C PRO B 15 -6.29 -18.58 -14.47
N PHE B 16 -7.02 -18.02 -15.39
CA PHE B 16 -7.69 -16.76 -15.17
C PHE B 16 -9.09 -16.93 -14.58
N MET B 17 -9.42 -15.98 -13.70
CA MET B 17 -10.75 -15.79 -13.18
C MET B 17 -11.03 -14.40 -12.80
N ASN B 18 -12.31 -14.08 -12.52
CA ASN B 18 -12.58 -12.80 -11.94
C ASN B 18 -12.09 -12.78 -10.50
N ALA B 19 -11.83 -11.57 -10.05
CA ALA B 19 -11.69 -11.30 -8.64
C ALA B 19 -13.03 -11.13 -7.98
N ALA B 20 -13.13 -11.63 -6.72
CA ALA B 20 -14.41 -11.52 -5.98
C ALA B 20 -14.86 -10.10 -5.97
N GLY B 21 -16.13 -9.90 -6.21
CA GLY B 21 -16.76 -8.58 -6.22
C GLY B 21 -16.95 -7.95 -7.60
N VAL B 22 -16.19 -8.45 -8.57
CA VAL B 22 -16.28 -7.93 -9.92
C VAL B 22 -17.05 -8.88 -10.84
N LEU B 23 -18.08 -8.38 -11.47
CA LEU B 23 -18.90 -9.18 -12.41
C LEU B 23 -19.44 -10.51 -11.83
N CYS B 24 -20.00 -10.45 -10.63
CA CYS B 24 -20.33 -11.67 -9.95
C CYS B 24 -21.40 -11.53 -8.87
N SER B 25 -22.17 -10.47 -8.92
CA SER B 25 -23.17 -10.20 -7.88
C SER B 25 -24.55 -10.79 -8.14
N THR B 26 -24.96 -10.76 -9.39
CA THR B 26 -26.26 -11.17 -9.79
C THR B 26 -26.21 -12.45 -10.61
N GLU B 27 -27.34 -13.09 -10.79
CA GLU B 27 -27.38 -14.25 -11.65
C GLU B 27 -26.88 -13.94 -13.08
N GLU B 28 -27.32 -12.80 -13.58
CA GLU B 28 -26.84 -12.29 -14.87
C GLU B 28 -25.33 -12.22 -14.92
N ASP B 29 -24.72 -11.65 -13.88
CA ASP B 29 -23.28 -11.54 -13.79
C ASP B 29 -22.61 -12.90 -13.84
N LEU B 30 -23.10 -13.86 -13.04
CA LEU B 30 -22.49 -15.14 -12.94
C LEU B 30 -22.65 -15.94 -14.20
N ARG B 31 -23.79 -15.75 -14.90
CA ARG B 31 -23.94 -16.33 -16.21
C ARG B 31 -22.99 -15.77 -17.28
N CYS B 32 -22.74 -14.45 -17.16
CA CYS B 32 -21.81 -13.79 -18.04
C CYS B 32 -20.40 -14.29 -17.77
N MET B 33 -19.97 -14.36 -16.51
CA MET B 33 -18.66 -14.90 -16.22
C MET B 33 -18.53 -16.37 -16.68
N THR B 34 -19.61 -17.15 -16.55
CA THR B 34 -19.59 -18.57 -16.98
C THR B 34 -19.40 -18.69 -18.53
N ALA B 35 -20.07 -17.75 -19.23
CA ALA B 35 -19.99 -17.75 -20.71
C ALA B 35 -18.65 -17.24 -21.26
N SER B 36 -17.89 -16.52 -20.43
CA SER B 36 -16.58 -16.00 -20.79
C SER B 36 -15.54 -17.09 -21.01
N SER B 37 -14.36 -16.68 -21.47
CA SER B 37 -13.27 -17.65 -21.62
C SER B 37 -12.47 -17.84 -20.35
N SER B 38 -12.93 -17.31 -19.23
CA SER B 38 -12.15 -17.48 -17.97
C SER B 38 -12.09 -18.95 -17.61
N GLY B 39 -11.06 -19.36 -16.91
CA GLY B 39 -10.89 -20.73 -16.46
C GLY B 39 -11.77 -21.04 -15.28
N ALA B 40 -12.18 -20.05 -14.52
CA ALA B 40 -13.06 -20.20 -13.32
C ALA B 40 -13.77 -18.89 -13.05
N LEU B 41 -14.67 -18.92 -12.08
CA LEU B 41 -15.33 -17.70 -11.62
C LEU B 41 -15.49 -17.81 -10.12
N VAL B 42 -15.60 -16.66 -9.44
CA VAL B 42 -15.89 -16.57 -8.00
C VAL B 42 -17.08 -15.62 -7.84
N SER B 43 -17.96 -15.98 -6.92
CA SER B 43 -19.09 -15.16 -6.59
C SER B 43 -18.78 -13.99 -5.68
N LYS B 44 -19.62 -12.95 -5.64
CA LYS B 44 -19.49 -11.79 -4.75
C LYS B 44 -19.50 -12.24 -3.34
N SER B 45 -18.56 -11.71 -2.55
CA SER B 45 -18.57 -12.08 -1.06
C SER B 45 -19.95 -11.80 -0.53
N CYS B 46 -20.44 -12.78 0.27
CA CYS B 46 -21.80 -12.68 0.78
C CYS B 46 -21.87 -12.71 2.29
N THR B 47 -23.05 -12.24 2.68
CA THR B 47 -23.48 -12.23 4.09
C THR B 47 -24.72 -13.13 4.19
N SER B 48 -25.15 -13.42 5.41
CA SER B 48 -26.35 -14.26 5.60
C SER B 48 -27.57 -13.63 5.01
N ALA B 49 -27.68 -12.35 5.23
CA ALA B 49 -28.72 -11.58 4.65
C ALA B 49 -28.23 -10.67 3.54
N PRO B 50 -29.28 -10.36 2.66
CA PRO B 50 -28.94 -9.41 1.58
C PRO B 50 -28.49 -8.06 2.10
N ARG B 51 -27.62 -7.37 1.37
CA ARG B 51 -27.19 -6.03 1.68
C ARG B 51 -27.26 -5.07 0.47
N ASP B 52 -27.75 -3.87 0.71
CA ASP B 52 -27.76 -2.81 -0.27
C ASP B 52 -26.36 -2.21 -0.53
N GLY B 53 -25.52 -2.25 0.49
CA GLY B 53 -24.25 -1.59 0.43
C GLY B 53 -24.32 -0.09 0.66
N ASN B 54 -23.24 0.60 0.36
CA ASN B 54 -23.08 1.99 0.67
C ASN B 54 -23.71 2.87 -0.39
N PRO B 55 -23.91 4.14 -0.04
CA PRO B 55 -24.38 5.07 -1.06
C PRO B 55 -23.46 5.27 -2.24
N GLU B 56 -24.01 5.57 -3.40
CA GLU B 56 -23.26 5.84 -4.62
C GLU B 56 -22.94 7.33 -4.73
N PRO B 57 -21.84 7.71 -5.36
CA PRO B 57 -20.89 6.85 -6.02
C PRO B 57 -19.96 6.14 -5.04
N ARG B 58 -19.71 4.86 -5.32
CA ARG B 58 -18.96 3.96 -4.45
C ARG B 58 -17.80 3.22 -5.13
N TYR B 59 -17.70 3.37 -6.44
CA TYR B 59 -16.57 2.84 -7.23
C TYR B 59 -16.21 3.87 -8.24
N MET B 60 -14.91 4.16 -8.45
CA MET B 60 -14.45 4.93 -9.55
C MET B 60 -13.19 4.38 -10.08
N ALA B 61 -12.91 4.46 -11.37
CA ALA B 61 -11.70 4.05 -12.03
C ALA B 61 -11.08 5.12 -12.84
N PHE B 62 -9.77 5.00 -12.94
CA PHE B 62 -8.86 5.95 -13.51
C PHE B 62 -7.76 5.23 -14.22
N PRO B 63 -6.90 5.92 -15.01
CA PRO B 63 -5.91 5.24 -15.79
C PRO B 63 -5.02 4.35 -14.96
N LEU B 64 -4.71 4.69 -13.71
CA LEU B 64 -3.86 3.86 -12.90
C LEU B 64 -4.53 2.85 -11.97
N GLY B 65 -5.85 2.89 -11.91
CA GLY B 65 -6.58 1.91 -11.11
C GLY B 65 -7.90 2.41 -10.59
N SER B 66 -8.35 1.85 -9.51
CA SER B 66 -9.69 2.07 -9.04
C SER B 66 -9.66 2.25 -7.56
N ILE B 67 -10.75 2.84 -7.05
CA ILE B 67 -11.03 3.00 -5.62
C ILE B 67 -12.49 2.58 -5.37
N ASN B 68 -12.73 1.86 -4.28
CA ASN B 68 -14.08 1.44 -3.95
C ASN B 68 -14.31 1.37 -2.46
N SER B 69 -15.58 1.71 -2.12
CA SER B 69 -16.14 1.44 -0.80
C SER B 69 -17.52 0.91 -0.99
N MET B 70 -17.63 -0.27 -1.59
CA MET B 70 -18.92 -0.77 -1.98
C MET B 70 -19.82 -0.99 -0.80
N GLY B 71 -19.30 -1.44 0.31
CA GLY B 71 -20.09 -1.83 1.48
C GLY B 71 -20.70 -3.18 1.45
N LEU B 72 -20.08 -4.11 0.76
CA LEU B 72 -20.57 -5.47 0.63
C LEU B 72 -22.00 -5.59 0.16
N PRO B 73 -22.40 -4.91 -0.87
CA PRO B 73 -23.73 -5.19 -1.47
C PRO B 73 -23.73 -6.59 -1.98
N ASN B 74 -24.77 -7.35 -1.66
CA ASN B 74 -24.85 -8.72 -2.17
C ASN B 74 -26.27 -9.21 -2.07
N LEU B 75 -26.56 -10.29 -2.75
CA LEU B 75 -27.94 -10.81 -2.80
C LEU B 75 -28.21 -11.78 -1.61
N GLY B 76 -27.23 -11.98 -0.76
CA GLY B 76 -27.37 -12.86 0.35
C GLY B 76 -26.96 -14.30 0.09
N PHE B 77 -26.59 -14.99 1.15
CA PHE B 77 -26.02 -16.32 1.01
C PHE B 77 -26.97 -17.33 0.36
N ASP B 78 -28.25 -17.22 0.66
CA ASP B 78 -29.19 -18.18 0.10
C ASP B 78 -29.17 -18.14 -1.43
N PHE B 79 -29.05 -16.96 -1.97
CA PHE B 79 -28.97 -16.85 -3.42
C PHE B 79 -27.70 -17.53 -3.99
N TYR B 80 -26.55 -17.23 -3.41
CA TYR B 80 -25.30 -17.77 -3.93
C TYR B 80 -25.25 -19.27 -3.79
N LEU B 81 -25.78 -19.76 -2.69
CA LEU B 81 -25.88 -21.18 -2.45
C LEU B 81 -26.77 -21.86 -3.47
N LYS B 82 -27.87 -21.24 -3.77
CA LYS B 82 -28.76 -21.73 -4.80
C LYS B 82 -28.12 -21.71 -6.17
N TYR B 83 -27.37 -20.66 -6.43
CA TYR B 83 -26.67 -20.58 -7.71
C TYR B 83 -25.71 -21.77 -7.79
N ALA B 84 -24.95 -22.00 -6.71
CA ALA B 84 -24.00 -23.13 -6.67
C ALA B 84 -24.65 -24.56 -6.78
N SER B 85 -25.81 -24.67 -6.14
CA SER B 85 -26.47 -25.99 -5.99
C SER B 85 -27.31 -26.31 -7.21
N ASP B 86 -27.95 -25.30 -7.81
CA ASP B 86 -29.01 -25.50 -8.86
C ASP B 86 -28.72 -24.90 -10.23
N LEU B 87 -27.93 -23.80 -10.29
CA LEU B 87 -27.88 -23.04 -11.49
C LEU B 87 -26.59 -23.12 -12.27
N HIS B 88 -25.48 -23.23 -11.57
CA HIS B 88 -24.15 -23.26 -12.21
C HIS B 88 -23.97 -24.48 -13.01
N ASP B 89 -23.45 -24.31 -14.23
CA ASP B 89 -23.09 -25.44 -15.05
C ASP B 89 -21.58 -25.80 -14.85
N TYR B 90 -21.33 -26.77 -14.04
CA TYR B 90 -19.96 -27.23 -13.68
C TYR B 90 -19.20 -27.82 -14.89
N SER B 91 -19.89 -28.15 -15.95
CA SER B 91 -19.26 -28.68 -17.11
C SER B 91 -18.51 -27.56 -17.81
N LYS B 92 -18.86 -26.31 -17.55
CA LYS B 92 -18.26 -25.18 -18.22
C LYS B 92 -16.97 -24.72 -17.50
N LYS B 93 -16.96 -24.66 -16.17
CA LYS B 93 -15.74 -24.31 -15.42
C LYS B 93 -16.04 -24.44 -13.94
N PRO B 94 -15.03 -24.47 -13.07
CA PRO B 94 -15.24 -24.46 -11.65
C PRO B 94 -15.82 -23.21 -11.09
N LEU B 95 -16.53 -23.31 -9.98
CA LEU B 95 -17.09 -22.17 -9.25
C LEU B 95 -16.50 -22.13 -7.90
N PHE B 96 -16.06 -20.93 -7.47
CA PHE B 96 -15.72 -20.59 -6.17
C PHE B 96 -16.81 -19.69 -5.55
N LEU B 97 -17.21 -19.90 -4.29
CA LEU B 97 -18.11 -19.06 -3.58
C LEU B 97 -17.40 -18.26 -2.51
N SER B 98 -17.50 -16.93 -2.48
CA SER B 98 -16.82 -16.11 -1.49
C SER B 98 -17.80 -15.79 -0.39
N ILE B 99 -17.37 -15.99 0.84
CA ILE B 99 -18.14 -15.64 2.00
C ILE B 99 -17.44 -14.56 2.83
N SER B 100 -18.15 -13.58 3.38
CA SER B 100 -17.60 -12.53 4.24
C SER B 100 -18.64 -12.14 5.26
N GLY B 101 -18.85 -13.06 6.17
CA GLY B 101 -19.77 -12.73 7.29
C GLY B 101 -19.14 -11.67 8.17
N LEU B 102 -19.97 -10.97 8.97
CA LEU B 102 -19.56 -9.84 9.82
C LEU B 102 -19.16 -10.31 11.24
N SER B 103 -19.18 -11.61 11.49
CA SER B 103 -18.72 -12.20 12.73
C SER B 103 -18.36 -13.62 12.44
N VAL B 104 -17.65 -14.24 13.36
CA VAL B 104 -17.33 -15.58 13.20
C VAL B 104 -18.55 -16.49 13.12
N GLU B 105 -19.54 -16.20 14.01
CA GLU B 105 -20.74 -17.02 14.01
C GLU B 105 -21.52 -17.03 12.71
N GLU B 106 -21.53 -15.89 12.03
CA GLU B 106 -22.17 -15.83 10.71
C GLU B 106 -21.45 -16.67 9.65
N ASN B 107 -20.14 -16.52 9.62
CA ASN B 107 -19.32 -17.41 8.78
C ASN B 107 -19.54 -18.85 9.07
N VAL B 108 -19.56 -19.24 10.36
CA VAL B 108 -19.81 -20.64 10.69
C VAL B 108 -21.17 -21.16 10.18
N ALA B 109 -22.19 -20.34 10.34
CA ALA B 109 -23.54 -20.71 9.91
C ALA B 109 -23.62 -20.94 8.38
N MET B 110 -22.90 -20.09 7.63
CA MET B 110 -22.89 -20.19 6.17
C MET B 110 -22.12 -21.44 5.74
N VAL B 111 -20.90 -21.64 6.32
CA VAL B 111 -20.08 -22.76 5.90
C VAL B 111 -20.74 -24.13 6.21
N ARG B 112 -21.48 -24.20 7.33
CA ARG B 112 -22.15 -25.49 7.68
C ARG B 112 -23.14 -25.90 6.59
N ARG B 113 -23.80 -24.88 6.00
CA ARG B 113 -24.71 -25.10 4.89
C ARG B 113 -24.07 -25.31 3.52
N LEU B 114 -22.88 -24.69 3.31
CA LEU B 114 -22.16 -24.92 2.09
C LEU B 114 -21.54 -26.27 1.95
N ALA B 115 -21.06 -26.81 3.12
CA ALA B 115 -20.40 -28.07 3.09
C ALA B 115 -21.03 -29.19 2.23
N PRO B 116 -22.34 -29.54 2.49
CA PRO B 116 -22.94 -30.51 1.60
C PRO B 116 -23.02 -30.26 0.15
N VAL B 117 -23.15 -28.97 -0.22
CA VAL B 117 -23.08 -28.59 -1.62
C VAL B 117 -21.70 -28.68 -2.31
N ALA B 118 -20.71 -28.27 -1.49
CA ALA B 118 -19.32 -28.52 -1.81
C ALA B 118 -19.06 -29.98 -2.06
N GLN B 119 -19.54 -30.86 -1.14
CA GLN B 119 -19.39 -32.29 -1.35
C GLN B 119 -20.07 -32.79 -2.59
N GLU B 120 -21.28 -32.34 -2.83
CA GLU B 120 -22.06 -32.90 -3.92
C GLU B 120 -21.69 -32.32 -5.30
N LYS B 121 -21.48 -31.01 -5.32
CA LYS B 121 -21.26 -30.32 -6.57
C LYS B 121 -19.77 -29.87 -6.82
N GLY B 122 -18.95 -29.73 -5.80
CA GLY B 122 -17.54 -29.43 -6.01
C GLY B 122 -17.34 -27.87 -5.95
N VAL B 123 -18.34 -27.06 -5.62
CA VAL B 123 -18.11 -25.63 -5.39
C VAL B 123 -16.99 -25.48 -4.35
N LEU B 124 -16.14 -24.44 -4.50
CA LEU B 124 -15.01 -24.19 -3.65
C LEU B 124 -15.20 -22.94 -2.86
N LEU B 125 -14.81 -22.96 -1.62
CA LEU B 125 -15.01 -21.87 -0.73
C LEU B 125 -13.76 -20.93 -0.71
N GLU B 126 -13.94 -19.61 -0.91
CA GLU B 126 -12.99 -18.57 -0.61
C GLU B 126 -13.52 -17.70 0.51
N LEU B 127 -12.84 -17.75 1.69
CA LEU B 127 -13.25 -17.03 2.85
C LEU B 127 -12.54 -15.65 2.87
N ASN B 128 -13.32 -14.60 2.76
CA ASN B 128 -12.79 -13.23 2.77
C ASN B 128 -12.54 -12.74 4.18
N LEU B 129 -11.23 -12.59 4.55
CA LEU B 129 -10.84 -12.08 5.91
C LEU B 129 -10.79 -10.60 6.06
N SER B 130 -11.40 -9.82 5.13
CA SER B 130 -11.63 -8.31 5.16
C SER B 130 -13.13 -7.85 5.32
N CYS B 131 -13.49 -6.80 6.09
CA CYS B 131 -14.86 -6.43 6.45
C CYS B 131 -14.95 -4.90 6.65
N PRO B 132 -16.20 -4.35 6.64
CA PRO B 132 -16.39 -2.90 6.95
C PRO B 132 -15.74 -2.54 8.31
N ASN B 133 -15.14 -1.35 8.40
CA ASN B 133 -14.50 -0.88 9.66
C ASN B 133 -15.51 -0.87 10.82
N VAL B 134 -15.03 -1.36 11.96
CA VAL B 134 -15.73 -1.21 13.26
C VAL B 134 -14.83 -0.35 14.12
N PRO B 135 -15.30 0.85 14.56
CA PRO B 135 -14.37 1.64 15.40
C PRO B 135 -13.82 0.85 16.58
N GLY B 136 -12.51 1.00 16.81
CA GLY B 136 -11.86 0.34 17.93
C GLY B 136 -11.20 -1.00 17.64
N LYS B 137 -11.41 -1.61 16.47
CA LYS B 137 -10.61 -2.85 16.20
C LYS B 137 -10.22 -3.01 14.69
N PRO B 138 -9.05 -3.66 14.39
CA PRO B 138 -8.58 -3.71 13.00
C PRO B 138 -9.30 -4.78 12.21
N GLN B 139 -9.21 -4.76 10.89
CA GLN B 139 -9.73 -5.83 10.05
C GLN B 139 -9.22 -7.15 10.60
N VAL B 140 -9.99 -8.20 10.40
CA VAL B 140 -9.65 -9.47 10.99
C VAL B 140 -8.24 -9.98 10.59
N ALA B 141 -7.88 -9.86 9.33
CA ALA B 141 -6.60 -10.41 8.89
C ALA B 141 -5.43 -9.61 9.43
N TYR B 142 -5.72 -8.42 9.94
CA TYR B 142 -4.71 -7.60 10.60
C TYR B 142 -4.69 -7.75 12.16
N ASP B 143 -5.52 -8.65 12.63
CA ASP B 143 -5.60 -9.03 14.03
C ASP B 143 -5.39 -10.53 14.12
N PHE B 144 -4.17 -10.94 14.39
CA PHE B 144 -3.75 -12.32 14.19
C PHE B 144 -4.52 -13.31 15.07
N GLU B 145 -4.83 -12.90 16.28
CA GLU B 145 -5.69 -13.73 17.13
C GLU B 145 -7.11 -13.85 16.64
N ALA B 146 -7.70 -12.79 16.16
CA ALA B 146 -8.96 -12.95 15.52
C ALA B 146 -8.89 -13.87 14.30
N MET B 147 -7.86 -13.65 13.44
CA MET B 147 -7.72 -14.52 12.28
C MET B 147 -7.65 -16.00 12.66
N ARG B 148 -6.84 -16.32 13.67
CA ARG B 148 -6.69 -17.72 14.12
C ARG B 148 -8.09 -18.28 14.57
N THR B 149 -8.85 -17.47 15.30
CA THR B 149 -10.22 -17.87 15.71
C THR B 149 -11.15 -18.15 14.54
N TYR B 150 -11.16 -17.24 13.56
CA TYR B 150 -11.96 -17.48 12.39
C TYR B 150 -11.60 -18.79 11.73
N LEU B 151 -10.31 -19.04 11.48
CA LEU B 151 -9.87 -20.23 10.77
C LEU B 151 -10.13 -21.45 11.56
N GLN B 152 -9.95 -21.38 12.89
CA GLN B 152 -10.25 -22.56 13.74
C GLN B 152 -11.76 -22.94 13.65
N GLN B 153 -12.59 -21.93 13.80
CA GLN B 153 -14.06 -22.12 13.78
C GLN B 153 -14.58 -22.55 12.42
N VAL B 154 -14.03 -21.93 11.35
CA VAL B 154 -14.45 -22.34 9.99
C VAL B 154 -13.97 -23.68 9.65
N SER B 155 -12.71 -24.02 9.97
CA SER B 155 -12.21 -25.33 9.71
C SER B 155 -13.08 -26.39 10.38
N LEU B 156 -13.42 -26.16 11.63
CA LEU B 156 -14.27 -27.14 12.33
C LEU B 156 -15.63 -27.31 11.69
N ALA B 157 -16.26 -26.17 11.44
CA ALA B 157 -17.60 -26.17 10.87
C ALA B 157 -17.73 -26.70 9.46
N TYR B 158 -16.69 -26.43 8.62
CA TYR B 158 -16.73 -26.74 7.25
C TYR B 158 -16.17 -28.15 6.95
N GLY B 159 -14.97 -28.41 7.49
CA GLY B 159 -14.41 -29.72 7.39
C GLY B 159 -13.83 -30.16 6.09
N LEU B 160 -13.76 -29.25 5.11
CA LEU B 160 -13.38 -29.56 3.76
C LEU B 160 -12.30 -28.50 3.33
N PRO B 161 -11.50 -28.83 2.33
CA PRO B 161 -10.44 -27.86 1.86
C PRO B 161 -11.13 -26.54 1.42
N PHE B 162 -10.52 -25.40 1.78
CA PHE B 162 -11.02 -24.07 1.45
C PHE B 162 -9.80 -23.13 1.25
N GLY B 163 -10.09 -21.91 0.87
CA GLY B 163 -9.10 -20.87 0.75
C GLY B 163 -9.46 -19.63 1.43
N VAL B 164 -8.49 -18.76 1.54
CA VAL B 164 -8.65 -17.52 2.25
C VAL B 164 -8.20 -16.34 1.35
N LYS B 165 -8.99 -15.32 1.29
CA LYS B 165 -8.64 -14.04 0.64
C LYS B 165 -8.04 -13.11 1.73
N MET B 166 -6.80 -12.70 1.43
CA MET B 166 -6.00 -11.89 2.33
C MET B 166 -5.84 -10.45 1.88
N PRO B 167 -5.84 -9.47 2.79
CA PRO B 167 -5.35 -8.15 2.50
C PRO B 167 -3.85 -8.18 2.36
N PRO B 168 -3.29 -7.12 1.73
CA PRO B 168 -1.85 -7.02 1.63
C PRO B 168 -1.23 -6.71 2.99
N TYR B 169 -0.05 -7.23 3.17
CA TYR B 169 0.87 -6.81 4.26
C TYR B 169 2.07 -6.11 3.69
N PHE B 170 2.69 -5.36 4.55
CA PHE B 170 3.77 -4.39 4.17
C PHE B 170 5.02 -4.48 5.04
N ASP B 171 5.11 -5.54 5.81
CA ASP B 171 6.15 -5.64 6.85
C ASP B 171 6.51 -7.13 6.92
N ILE B 172 7.80 -7.45 6.93
CA ILE B 172 8.22 -8.85 6.82
C ILE B 172 7.82 -9.59 8.06
N ALA B 173 7.86 -8.96 9.21
CA ALA B 173 7.41 -9.67 10.40
C ALA B 173 5.96 -10.07 10.28
N HIS B 174 5.15 -9.21 9.70
CA HIS B 174 3.77 -9.53 9.48
C HIS B 174 3.55 -10.72 8.53
N PHE B 175 4.35 -10.78 7.47
CA PHE B 175 4.27 -11.92 6.58
C PHE B 175 4.57 -13.20 7.37
N ASP B 176 5.61 -13.15 8.19
CA ASP B 176 5.99 -14.33 8.96
C ASP B 176 4.86 -14.76 9.90
N THR B 177 4.26 -13.82 10.61
CA THR B 177 3.19 -14.15 11.55
C THR B 177 1.94 -14.67 10.86
N ALA B 178 1.55 -13.98 9.80
CA ALA B 178 0.38 -14.37 9.06
C ALA B 178 0.51 -15.75 8.44
N ALA B 179 1.65 -16.02 7.82
CA ALA B 179 1.85 -17.30 7.19
C ALA B 179 1.84 -18.42 8.24
N ALA B 180 2.42 -18.14 9.38
CA ALA B 180 2.43 -19.12 10.44
C ALA B 180 1.03 -19.42 10.93
N VAL B 181 0.21 -18.40 11.03
CA VAL B 181 -1.23 -18.64 11.38
C VAL B 181 -1.83 -19.56 10.35
N LEU B 182 -1.68 -19.20 9.06
CA LEU B 182 -2.28 -19.99 8.02
C LEU B 182 -1.82 -21.42 7.96
N ASN B 183 -0.56 -21.61 8.25
CA ASN B 183 0.04 -22.95 8.22
C ASN B 183 -0.40 -23.82 9.47
N GLU B 184 -1.16 -23.24 10.37
CA GLU B 184 -1.72 -24.06 11.52
C GLU B 184 -2.90 -24.79 10.98
N PHE B 185 -3.47 -24.42 9.81
CA PHE B 185 -4.72 -24.97 9.33
C PHE B 185 -4.56 -25.79 8.07
N PRO B 186 -4.49 -27.11 8.14
CA PRO B 186 -4.31 -27.93 7.01
C PRO B 186 -5.44 -27.87 5.95
N LEU B 187 -6.62 -27.44 6.37
CA LEU B 187 -7.74 -27.34 5.39
C LEU B 187 -7.63 -26.10 4.52
N VAL B 188 -6.80 -25.16 4.96
CA VAL B 188 -6.57 -23.95 4.10
C VAL B 188 -5.63 -24.37 3.00
N LYS B 189 -6.12 -24.64 1.81
CA LYS B 189 -5.37 -25.21 0.73
C LYS B 189 -4.93 -24.13 -0.31
N PHE B 190 -5.59 -22.97 -0.26
CA PHE B 190 -5.12 -21.81 -1.12
C PHE B 190 -5.30 -20.56 -0.35
N VAL B 191 -4.41 -19.63 -0.73
CA VAL B 191 -4.34 -18.34 -0.17
C VAL B 191 -4.44 -17.34 -1.38
N THR B 192 -5.34 -16.42 -1.36
CA THR B 192 -5.47 -15.42 -2.48
C THR B 192 -4.95 -14.11 -2.01
N CYS B 193 -3.87 -13.71 -2.68
CA CYS B 193 -3.15 -12.44 -2.35
C CYS B 193 -3.21 -11.55 -3.56
N VAL B 194 -3.87 -10.40 -3.58
CA VAL B 194 -4.39 -9.69 -2.46
C VAL B 194 -5.77 -9.05 -2.73
N ASN B 195 -6.42 -8.72 -1.64
CA ASN B 195 -7.53 -7.80 -1.64
C ASN B 195 -6.99 -6.36 -1.89
N SER B 196 -7.88 -5.42 -2.01
CA SER B 196 -7.49 -4.07 -2.28
C SER B 196 -6.60 -3.49 -1.20
N VAL B 197 -5.76 -2.57 -1.61
CA VAL B 197 -4.89 -1.86 -0.69
C VAL B 197 -5.80 -0.85 0.03
N GLY B 198 -5.91 -1.03 1.32
CA GLY B 198 -6.94 -0.39 2.09
C GLY B 198 -6.77 1.11 2.24
N ASN B 199 -7.92 1.73 2.20
CA ASN B 199 -8.08 3.11 2.63
C ASN B 199 -7.14 4.10 1.96
N GLY B 200 -7.10 4.01 0.65
CA GLY B 200 -6.57 5.07 -0.12
C GLY B 200 -7.56 6.24 -0.30
N LEU B 201 -7.09 7.31 -0.92
CA LEU B 201 -7.93 8.52 -1.14
C LEU B 201 -7.60 9.13 -2.43
N VAL B 202 -8.55 9.11 -3.36
CA VAL B 202 -8.41 9.78 -4.66
C VAL B 202 -9.16 11.14 -4.60
N ILE B 203 -8.48 12.17 -5.04
CA ILE B 203 -9.04 13.55 -5.05
C ILE B 203 -8.99 14.03 -6.51
N ASP B 204 -10.07 14.64 -6.94
CA ASP B 204 -10.17 15.30 -8.28
C ASP B 204 -9.71 16.77 -8.16
N ALA B 205 -8.68 17.13 -8.88
CA ALA B 205 -8.18 18.45 -8.80
C ALA B 205 -9.16 19.55 -9.27
N GLU B 206 -9.90 19.32 -10.34
CA GLU B 206 -10.82 20.36 -10.78
C GLU B 206 -11.94 20.68 -9.81
N SER B 207 -12.59 19.65 -9.32
CA SER B 207 -13.66 19.83 -8.36
C SER B 207 -13.23 19.99 -6.92
N GLU B 208 -11.98 19.63 -6.65
CA GLU B 208 -11.40 19.71 -5.30
C GLU B 208 -12.10 18.78 -4.36
N SER B 209 -12.64 17.71 -4.90
CA SER B 209 -13.49 16.80 -4.17
C SER B 209 -12.92 15.38 -4.22
N VAL B 210 -13.18 14.63 -3.16
CA VAL B 210 -13.08 13.18 -3.24
C VAL B 210 -14.06 12.61 -4.28
N VAL B 211 -13.86 11.37 -4.75
CA VAL B 211 -14.56 10.82 -5.87
C VAL B 211 -15.56 9.74 -5.53
N ILE B 212 -15.52 9.20 -4.34
CA ILE B 212 -16.53 8.36 -3.80
C ILE B 212 -17.16 8.95 -2.54
N LYS B 213 -18.44 8.62 -2.37
CA LYS B 213 -19.26 9.21 -1.28
C LYS B 213 -19.03 8.60 0.06
N PRO B 214 -18.97 7.25 0.23
CA PRO B 214 -18.78 6.71 1.58
C PRO B 214 -17.44 7.05 2.21
N LYS B 215 -17.40 7.02 3.54
CA LYS B 215 -16.11 7.12 4.26
C LYS B 215 -15.28 8.32 3.92
N GLN B 216 -15.91 9.44 3.64
CA GLN B 216 -15.25 10.69 3.30
C GLN B 216 -14.21 10.53 2.15
N GLY B 217 -14.56 9.60 1.23
CA GLY B 217 -13.77 9.36 0.03
C GLY B 217 -12.74 8.24 0.13
N PHE B 218 -12.55 7.68 1.30
CA PHE B 218 -11.47 6.67 1.56
C PHE B 218 -12.05 5.37 1.02
N GLY B 219 -11.23 4.57 0.34
CA GLY B 219 -11.65 3.28 -0.15
C GLY B 219 -10.48 2.43 -0.60
N GLY B 220 -10.74 1.15 -0.92
CA GLY B 220 -9.64 0.25 -1.29
C GLY B 220 -9.22 0.51 -2.70
N LEU B 221 -7.94 0.39 -2.92
CA LEU B 221 -7.30 0.60 -4.22
C LEU B 221 -7.03 -0.72 -4.93
N GLY B 222 -7.32 -0.71 -6.21
CA GLY B 222 -6.97 -1.77 -7.11
C GLY B 222 -6.32 -1.24 -8.36
N GLY B 223 -5.84 -2.16 -9.21
CA GLY B 223 -5.26 -1.83 -10.50
C GLY B 223 -3.79 -1.56 -10.48
N LYS B 224 -3.33 -0.67 -11.38
CA LYS B 224 -1.91 -0.51 -11.59
C LYS B 224 -1.16 -0.06 -10.38
N TYR B 225 -1.82 0.74 -9.49
CA TYR B 225 -1.24 1.15 -8.28
C TYR B 225 -0.61 0.03 -7.46
N ILE B 226 -1.26 -1.14 -7.51
CA ILE B 226 -1.02 -2.18 -6.53
C ILE B 226 -0.26 -3.41 -7.00
N LEU B 227 0.17 -3.39 -8.27
CA LEU B 227 0.86 -4.61 -8.80
C LEU B 227 2.12 -5.01 -7.98
N PRO B 228 3.05 -4.08 -7.67
CA PRO B 228 4.22 -4.56 -6.90
C PRO B 228 3.87 -5.06 -5.50
N THR B 229 2.88 -4.48 -4.85
CA THR B 229 2.38 -4.93 -3.58
C THR B 229 1.83 -6.34 -3.73
N ALA B 230 1.02 -6.50 -4.76
CA ALA B 230 0.42 -7.83 -4.98
C ALA B 230 1.47 -8.93 -5.23
N LEU B 231 2.44 -8.65 -6.12
CA LEU B 231 3.50 -9.57 -6.39
C LEU B 231 4.28 -9.95 -5.13
N ALA B 232 4.53 -8.93 -4.29
CA ALA B 232 5.30 -9.22 -3.05
C ALA B 232 4.50 -10.11 -2.14
N ASN B 233 3.21 -9.88 -1.98
CA ASN B 233 2.41 -10.73 -1.13
C ASN B 233 2.33 -12.17 -1.73
N VAL B 234 2.08 -12.27 -3.01
CA VAL B 234 2.08 -13.60 -3.66
C VAL B 234 3.41 -14.32 -3.30
N ASN B 235 4.55 -13.68 -3.57
CA ASN B 235 5.80 -14.37 -3.39
C ASN B 235 6.04 -14.66 -1.93
N ALA B 236 5.69 -13.73 -1.01
CA ALA B 236 5.97 -13.95 0.41
C ALA B 236 5.23 -15.15 0.88
N PHE B 237 3.97 -15.33 0.52
CA PHE B 237 3.17 -16.48 0.93
C PHE B 237 3.60 -17.70 0.15
N TYR B 238 3.97 -17.58 -1.11
CA TYR B 238 4.46 -18.74 -1.85
C TYR B 238 5.66 -19.35 -1.16
N ARG B 239 6.56 -18.50 -0.72
CA ARG B 239 7.78 -18.97 -0.01
C ARG B 239 7.40 -19.59 1.35
N ARG B 240 6.46 -19.01 2.06
CA ARG B 240 6.18 -19.38 3.48
C ARG B 240 5.20 -20.55 3.56
N CYS B 241 4.43 -20.80 2.53
CA CYS B 241 3.35 -21.83 2.61
C CYS B 241 3.56 -22.87 1.54
N PRO B 242 4.61 -23.69 1.66
CA PRO B 242 4.91 -24.65 0.58
C PRO B 242 3.89 -25.73 0.39
N ASP B 243 3.07 -26.01 1.37
CA ASP B 243 1.98 -26.96 1.27
C ASP B 243 0.62 -26.44 0.81
N LYS B 244 0.57 -25.15 0.46
CA LYS B 244 -0.62 -24.50 -0.03
C LYS B 244 -0.40 -23.99 -1.47
N LEU B 245 -1.48 -23.74 -2.18
CA LEU B 245 -1.47 -22.93 -3.37
C LEU B 245 -1.62 -21.45 -3.04
N VAL B 246 -1.04 -20.62 -3.88
CA VAL B 246 -1.27 -19.19 -3.83
C VAL B 246 -1.99 -18.74 -5.10
N PHE B 247 -3.06 -17.99 -4.94
CA PHE B 247 -3.76 -17.37 -6.06
C PHE B 247 -3.41 -15.90 -6.07
N GLY B 248 -3.01 -15.41 -7.22
CA GLY B 248 -2.61 -14.01 -7.34
C GLY B 248 -3.76 -13.13 -7.80
N CYS B 249 -3.85 -11.98 -7.17
CA CYS B 249 -4.79 -10.94 -7.51
C CYS B 249 -4.16 -9.55 -7.28
N GLY B 250 -4.32 -8.63 -8.23
CA GLY B 250 -3.89 -7.27 -8.05
C GLY B 250 -3.09 -6.81 -9.25
N GLY B 251 -3.67 -5.82 -9.93
CA GLY B 251 -2.91 -5.17 -10.95
C GLY B 251 -2.75 -5.92 -12.25
N VAL B 252 -3.58 -6.92 -12.52
CA VAL B 252 -3.43 -7.67 -13.77
C VAL B 252 -4.28 -6.94 -14.84
N TYR B 253 -3.56 -6.45 -15.88
CA TYR B 253 -4.17 -5.90 -17.10
C TYR B 253 -3.72 -6.58 -18.32
N SER B 254 -2.74 -7.44 -18.25
CA SER B 254 -2.10 -8.00 -19.42
C SER B 254 -1.58 -9.40 -19.12
N GLY B 255 -1.29 -10.11 -20.18
CA GLY B 255 -0.63 -11.39 -20.04
C GLY B 255 0.71 -11.27 -19.36
N GLU B 256 1.40 -10.19 -19.61
CA GLU B 256 2.66 -9.96 -18.96
C GLU B 256 2.49 -9.80 -17.45
N ASP B 257 1.47 -9.08 -17.04
CA ASP B 257 1.20 -8.95 -15.61
C ASP B 257 0.89 -10.33 -15.01
N ALA B 258 0.13 -11.12 -15.74
CA ALA B 258 -0.17 -12.47 -15.27
C ALA B 258 1.08 -13.35 -15.16
N PHE B 259 1.95 -13.18 -16.15
CA PHE B 259 3.20 -13.91 -16.15
C PHE B 259 4.03 -13.58 -14.90
N LEU B 260 4.04 -12.31 -14.54
CA LEU B 260 4.74 -11.89 -13.33
C LEU B 260 4.14 -12.50 -12.06
N HIS B 261 2.82 -12.52 -11.99
CA HIS B 261 2.18 -13.15 -10.84
C HIS B 261 2.56 -14.63 -10.78
N ILE B 262 2.56 -15.29 -11.92
CA ILE B 262 2.90 -16.71 -11.92
C ILE B 262 4.40 -16.97 -11.54
N LEU B 263 5.28 -16.14 -12.07
CA LEU B 263 6.67 -16.20 -11.72
C LEU B 263 6.83 -16.04 -10.20
N ALA B 264 6.03 -15.16 -9.60
CA ALA B 264 6.03 -14.92 -8.14
C ALA B 264 5.48 -16.10 -7.31
N GLY B 265 4.74 -16.96 -7.97
CA GLY B 265 4.16 -18.12 -7.32
C GLY B 265 2.67 -18.43 -7.57
N ALA B 266 1.98 -17.58 -8.31
CA ALA B 266 0.55 -17.77 -8.52
C ALA B 266 0.15 -19.03 -9.32
N SER B 267 -0.86 -19.70 -8.81
CA SER B 267 -1.49 -20.81 -9.49
C SER B 267 -2.68 -20.31 -10.33
N MET B 268 -3.66 -19.70 -9.70
CA MET B 268 -4.70 -18.97 -10.43
C MET B 268 -4.37 -17.48 -10.36
N VAL B 269 -4.88 -16.75 -11.33
CA VAL B 269 -4.67 -15.33 -11.47
C VAL B 269 -6.05 -14.67 -11.61
N GLN B 270 -6.37 -13.80 -10.68
CA GLN B 270 -7.65 -13.17 -10.64
C GLN B 270 -7.54 -11.71 -11.16
N VAL B 271 -8.61 -11.28 -11.78
CA VAL B 271 -8.66 -9.96 -12.45
C VAL B 271 -9.85 -9.19 -11.95
N GLY B 272 -9.60 -8.02 -11.33
CA GLY B 272 -10.58 -7.17 -10.71
C GLY B 272 -10.83 -5.93 -11.53
N THR B 273 -10.13 -4.84 -11.18
CA THR B 273 -10.28 -3.56 -11.88
C THR B 273 -10.27 -3.68 -13.37
N ALA B 274 -9.29 -4.37 -13.92
CA ALA B 274 -9.21 -4.40 -15.41
C ALA B 274 -10.42 -5.09 -16.05
N LEU B 275 -10.99 -6.04 -15.36
CA LEU B 275 -12.20 -6.74 -15.80
C LEU B 275 -13.38 -5.79 -15.69
N GLN B 276 -13.49 -5.09 -14.59
CA GLN B 276 -14.51 -4.11 -14.40
C GLN B 276 -14.49 -3.04 -15.53
N GLU B 277 -13.32 -2.64 -15.94
CA GLU B 277 -13.20 -1.61 -16.91
C GLU B 277 -13.32 -2.11 -18.34
N GLU B 278 -12.79 -3.30 -18.68
CA GLU B 278 -12.76 -3.77 -20.06
C GLU B 278 -13.90 -4.76 -20.38
N GLY B 279 -14.44 -5.40 -19.41
CA GLY B 279 -15.44 -6.41 -19.60
C GLY B 279 -14.81 -7.80 -19.84
N PRO B 280 -15.64 -8.83 -19.98
CA PRO B 280 -15.21 -10.19 -20.00
C PRO B 280 -14.45 -10.65 -21.23
N GLY B 281 -14.48 -9.82 -22.25
CA GLY B 281 -13.53 -9.95 -23.38
C GLY B 281 -12.11 -10.02 -22.95
N ILE B 282 -11.78 -9.39 -21.81
CA ILE B 282 -10.44 -9.35 -21.40
C ILE B 282 -9.81 -10.75 -21.31
N PHE B 283 -10.62 -11.77 -21.02
CA PHE B 283 -10.03 -13.13 -20.77
C PHE B 283 -9.40 -13.73 -22.02
N THR B 284 -9.98 -13.47 -23.20
CA THR B 284 -9.34 -14.00 -24.38
C THR B 284 -8.04 -13.32 -24.64
N ARG B 285 -8.00 -12.02 -24.46
CA ARG B 285 -6.77 -11.23 -24.58
C ARG B 285 -5.69 -11.68 -23.64
N LEU B 286 -6.03 -11.83 -22.38
CA LEU B 286 -5.03 -12.24 -21.41
C LEU B 286 -4.46 -13.65 -21.76
N GLU B 287 -5.30 -14.58 -22.19
CA GLU B 287 -4.84 -15.90 -22.55
C GLU B 287 -3.88 -15.80 -23.75
N ASP B 288 -4.30 -15.05 -24.75
CA ASP B 288 -3.46 -14.91 -25.96
C ASP B 288 -2.12 -14.33 -25.59
N GLU B 289 -2.10 -13.24 -24.80
CA GLU B 289 -0.90 -12.56 -24.46
C GLU B 289 -0.02 -13.46 -23.58
N LEU B 290 -0.56 -14.23 -22.65
CA LEU B 290 0.26 -15.10 -21.81
C LEU B 290 0.90 -16.21 -22.69
N LEU B 291 0.09 -16.77 -23.61
CA LEU B 291 0.62 -17.81 -24.51
C LEU B 291 1.73 -17.25 -25.38
N GLU B 292 1.60 -16.00 -25.81
CA GLU B 292 2.60 -15.36 -26.67
C GLU B 292 3.92 -15.19 -25.92
N ILE B 293 3.88 -14.77 -24.68
CA ILE B 293 5.09 -14.61 -23.90
C ILE B 293 5.74 -15.96 -23.61
N MET B 294 4.93 -16.95 -23.30
CA MET B 294 5.43 -18.35 -23.07
C MET B 294 6.17 -18.85 -24.36
N ALA B 295 5.53 -18.64 -25.50
CA ALA B 295 6.09 -19.09 -26.77
C ALA B 295 7.41 -18.40 -27.00
N ARG B 296 7.49 -17.08 -26.78
CA ARG B 296 8.74 -16.32 -27.05
C ARG B 296 9.86 -16.82 -26.16
N LYS B 297 9.54 -17.27 -24.95
CA LYS B 297 10.48 -17.79 -23.97
C LYS B 297 10.80 -19.31 -24.10
N GLY B 298 10.02 -20.03 -24.88
CA GLY B 298 10.14 -21.44 -24.94
C GLY B 298 9.48 -22.20 -23.84
N TYR B 299 8.57 -21.62 -23.04
CA TYR B 299 7.89 -22.37 -22.02
C TYR B 299 6.64 -23.03 -22.60
N ARG B 300 6.50 -24.31 -22.34
CA ARG B 300 5.36 -25.08 -22.75
C ARG B 300 4.29 -25.21 -21.63
N THR B 301 4.63 -25.06 -20.35
CA THR B 301 3.74 -25.25 -19.25
C THR B 301 3.90 -24.06 -18.30
N LEU B 302 2.88 -23.87 -17.47
CA LEU B 302 2.94 -22.96 -16.35
C LEU B 302 3.85 -23.43 -15.29
N GLU B 303 3.93 -24.76 -15.06
CA GLU B 303 4.77 -25.31 -14.04
C GLU B 303 6.26 -25.00 -14.27
N GLU B 304 6.67 -24.85 -15.50
CA GLU B 304 8.05 -24.59 -15.83
C GLU B 304 8.57 -23.33 -15.19
N PHE B 305 7.67 -22.38 -14.98
CA PHE B 305 8.15 -21.09 -14.43
C PHE B 305 7.39 -20.62 -13.19
N ARG B 306 6.35 -21.31 -12.70
CA ARG B 306 5.66 -20.84 -11.55
C ARG B 306 6.62 -20.81 -10.38
N GLY B 307 6.67 -19.66 -9.67
CA GLY B 307 7.50 -19.48 -8.53
C GLY B 307 8.97 -19.33 -8.79
N ARG B 308 9.35 -19.26 -10.06
CA ARG B 308 10.76 -19.24 -10.46
C ARG B 308 11.37 -17.90 -10.67
N VAL B 309 10.75 -16.86 -10.09
CA VAL B 309 11.37 -15.55 -10.13
C VAL B 309 12.79 -15.69 -9.58
N LYS B 310 13.71 -15.07 -10.32
CA LYS B 310 15.11 -15.03 -9.94
C LYS B 310 15.46 -13.90 -8.97
N THR B 311 16.31 -14.18 -8.02
CA THR B 311 16.86 -13.15 -7.11
C THR B 311 18.28 -12.84 -7.57
N ILE B 312 18.84 -11.75 -7.09
CA ILE B 312 20.20 -11.37 -7.47
C ILE B 312 21.18 -11.80 -6.37
N GLU B 313 22.20 -12.57 -6.77
CA GLU B 313 23.23 -13.10 -5.85
C GLU B 313 24.44 -12.11 -5.69
#